data_5VTP
#
_entry.id   5VTP
#
_cell.length_a   130.681
_cell.length_b   130.681
_cell.length_c   93.908
_cell.angle_alpha   90.000
_cell.angle_beta   90.000
_cell.angle_gamma   120.000
#
_symmetry.space_group_name_H-M   'P 31 2 1'
#
loop_
_entity.id
_entity.type
_entity.pdbx_description
1 polymer 'DNA polymerase eta'
2 non-polymer 'MAGNESIUM ION'
3 water water
#
_entity_poly.entity_id   1
_entity_poly.type   'polypeptide(L)'
_entity_poly.pdbx_seq_one_letter_code
;MHHHHHHMSKFTWKELIQLGSPSKAYESSLACIAHIDMNAFFAQVEQMRCGLSKEDPVVCVQWNSIIAVSYAARKYGISR
MDTIQEALKKCSNLIPIHTAVFKKGEDFWQYHDGCGSWVQDPAKQISVEDHKVSLEPYRRESRKALKIFKSACDLVERAS
IDEVFLDLGRICFNMLMFDNEYELTGDLKLKDALSNIREAFIGGNYDINSHLPLIPEKIKSLKFEGDVFNPEGRDLITDW
DDVILALGSQVCKGIRDSIKDILGYTTSCGLSSTKNVCKLASNYKKPDAQTIVKNDCLLDFLDCGKFEITSFWTLGGVLG
KELIDVLDLPHENSIKHIRETWPDNAGQLKEFLDAKVKQSDYDRSTSNIDPLKTADLAEKLFKLSRGRYGLPLSSRPVVK
SMMSNKNLRGKSCNSIVDCISWLEVFCAELTSRIQDLEQEYNKIVIPRTVSISLKTKSYEVYRKSGPVAYKGINFQSHEL
LKVGIKFVTDLDIKGKNKSYYPLTKLSMTITNFDIIDLQKTVVDMFGNQVHTFKS
;
_entity_poly.pdbx_strand_id   A
#
loop_
_chem_comp.id
_chem_comp.type
_chem_comp.name
_chem_comp.formula
MG non-polymer 'MAGNESIUM ION' 'Mg 2'
#
# COMPACT_ATOMS: atom_id res chain seq x y z
N HIS A 7 25.12 33.54 -11.80
CA HIS A 7 24.29 32.78 -10.83
C HIS A 7 24.22 31.31 -11.26
N MET A 8 23.59 30.47 -10.44
CA MET A 8 23.61 29.03 -10.69
C MET A 8 22.44 28.39 -9.95
N SER A 9 22.27 27.08 -10.19
CA SER A 9 21.18 26.32 -9.59
C SER A 9 21.44 26.06 -8.11
N LYS A 10 20.36 25.87 -7.36
CA LYS A 10 20.49 25.58 -5.93
C LYS A 10 20.98 24.16 -5.66
N PHE A 11 20.98 23.29 -6.67
CA PHE A 11 21.39 21.90 -6.50
C PHE A 11 22.81 21.67 -7.06
N THR A 12 23.43 20.58 -6.60
CA THR A 12 24.78 20.21 -7.00
C THR A 12 24.74 19.01 -7.93
N TRP A 13 25.89 18.73 -8.54
CA TRP A 13 26.02 17.52 -9.36
C TRP A 13 25.77 16.27 -8.53
N LYS A 14 26.33 16.23 -7.31
CA LYS A 14 26.12 15.07 -6.43
C LYS A 14 24.65 14.68 -6.36
N GLU A 15 23.79 15.66 -6.08
CA GLU A 15 22.38 15.37 -5.91
C GLU A 15 21.71 14.90 -7.20
N LEU A 16 22.30 15.20 -8.36
CA LEU A 16 21.74 14.72 -9.62
C LEU A 16 22.29 13.36 -10.02
N ILE A 17 23.61 13.17 -9.91
CA ILE A 17 24.19 11.85 -10.16
C ILE A 17 23.55 10.83 -9.23
N GLN A 18 23.19 11.25 -8.02
CA GLN A 18 22.61 10.34 -7.04
C GLN A 18 21.36 9.66 -7.58
N LEU A 19 20.65 10.31 -8.51
CA LEU A 19 19.43 9.71 -9.06
C LEU A 19 19.71 8.40 -9.76
N GLY A 20 20.94 8.19 -10.23
CA GLY A 20 21.29 6.94 -10.88
C GLY A 20 21.63 5.81 -9.94
N SER A 21 21.74 6.09 -8.64
CA SER A 21 22.06 5.07 -7.65
C SER A 21 20.76 4.56 -7.02
N PRO A 22 20.35 3.32 -7.28
CA PRO A 22 19.11 2.83 -6.67
C PRO A 22 19.15 2.79 -5.16
N SER A 23 20.34 2.83 -4.56
CA SER A 23 20.48 2.72 -3.11
C SER A 23 20.47 4.07 -2.41
N LYS A 24 20.57 5.18 -3.14
CA LYS A 24 20.61 6.50 -2.50
C LYS A 24 19.90 7.58 -3.28
N ALA A 25 19.25 7.26 -4.41
CA ALA A 25 18.49 8.28 -5.14
C ALA A 25 17.40 8.90 -4.28
N TYR A 26 16.81 8.12 -3.37
CA TYR A 26 15.73 8.64 -2.52
C TYR A 26 16.24 9.73 -1.59
N GLU A 27 17.52 9.69 -1.23
CA GLU A 27 18.09 10.65 -0.31
C GLU A 27 18.28 12.03 -0.93
N SER A 28 18.19 12.13 -2.26
CA SER A 28 18.40 13.39 -2.95
C SER A 28 17.13 14.24 -2.92
N SER A 29 17.31 15.56 -2.80
CA SER A 29 16.18 16.47 -2.91
C SER A 29 15.64 16.52 -4.34
N LEU A 30 16.41 16.05 -5.32
CA LEU A 30 15.95 15.91 -6.69
C LEU A 30 15.22 14.60 -6.92
N ALA A 31 15.02 13.79 -5.88
CA ALA A 31 14.35 12.52 -6.03
C ALA A 31 13.00 12.68 -6.73
N CYS A 32 12.62 11.66 -7.49
CA CYS A 32 11.31 11.62 -8.13
C CYS A 32 10.66 10.31 -7.72
N ILE A 33 9.75 10.39 -6.75
CA ILE A 33 9.05 9.23 -6.23
C ILE A 33 7.60 9.28 -6.71
N ALA A 34 7.00 8.09 -6.82
CA ALA A 34 5.61 7.98 -7.24
C ALA A 34 4.90 6.96 -6.36
N HIS A 35 3.69 7.29 -5.92
CA HIS A 35 2.82 6.35 -5.24
C HIS A 35 1.55 6.18 -6.06
N ILE A 36 1.29 4.95 -6.49
CA ILE A 36 0.17 4.61 -7.35
C ILE A 36 -0.81 3.75 -6.57
N ASP A 37 -2.09 4.11 -6.63
CA ASP A 37 -3.14 3.44 -5.86
C ASP A 37 -4.24 3.02 -6.83
N MET A 38 -4.57 1.73 -6.83
CA MET A 38 -5.72 1.21 -7.58
C MET A 38 -6.95 1.32 -6.68
N ASN A 39 -7.66 2.43 -6.81
CA ASN A 39 -8.79 2.72 -5.93
C ASN A 39 -9.88 1.68 -6.08
N ALA A 40 -10.55 1.38 -4.97
CA ALA A 40 -11.61 0.38 -4.93
C ALA A 40 -11.21 -0.84 -5.76
N PHE A 41 -10.05 -1.40 -5.39
CA PHE A 41 -9.44 -2.45 -6.22
C PHE A 41 -10.37 -3.64 -6.37
N PHE A 42 -10.92 -4.14 -5.26
CA PHE A 42 -11.80 -5.31 -5.33
C PHE A 42 -12.98 -5.04 -6.26
N ALA A 43 -13.54 -3.83 -6.21
CA ALA A 43 -14.64 -3.50 -7.10
C ALA A 43 -14.17 -3.45 -8.56
N GLN A 44 -12.97 -2.92 -8.80
CA GLN A 44 -12.45 -2.89 -10.16
C GLN A 44 -12.23 -4.30 -10.70
N VAL A 45 -11.75 -5.21 -9.86
CA VAL A 45 -11.53 -6.59 -10.28
C VAL A 45 -12.86 -7.23 -10.70
N GLU A 46 -13.87 -7.13 -9.84
CA GLU A 46 -15.16 -7.71 -10.16
C GLU A 46 -15.78 -7.05 -11.40
N GLN A 47 -15.62 -5.73 -11.52
CA GLN A 47 -16.09 -5.03 -12.70
C GLN A 47 -15.55 -5.68 -13.98
N MET A 48 -14.22 -5.84 -14.04
CA MET A 48 -13.60 -6.39 -15.24
C MET A 48 -14.01 -7.84 -15.46
N ARG A 49 -14.13 -8.61 -14.38
CA ARG A 49 -14.44 -10.03 -14.51
C ARG A 49 -15.80 -10.25 -15.13
N CYS A 50 -16.76 -9.35 -14.89
CA CYS A 50 -18.12 -9.49 -15.39
C CYS A 50 -18.34 -8.70 -16.68
N GLY A 51 -17.27 -8.34 -17.37
CA GLY A 51 -17.39 -7.60 -18.62
C GLY A 51 -18.22 -6.34 -18.48
N LEU A 52 -17.96 -5.56 -17.44
CA LEU A 52 -18.70 -4.34 -17.17
C LEU A 52 -17.81 -3.13 -17.41
N SER A 53 -18.42 -1.96 -17.37
CA SER A 53 -17.75 -0.70 -17.64
C SER A 53 -17.53 0.08 -16.34
N LYS A 54 -16.73 1.14 -16.46
CA LYS A 54 -16.48 2.00 -15.31
C LYS A 54 -17.74 2.75 -14.88
N GLU A 55 -18.73 2.87 -15.76
CA GLU A 55 -19.97 3.55 -15.44
C GLU A 55 -20.99 2.65 -14.75
N ASP A 56 -20.83 1.34 -14.84
CA ASP A 56 -21.73 0.43 -14.12
C ASP A 56 -21.43 0.49 -12.63
N PRO A 57 -22.41 0.77 -11.77
CA PRO A 57 -22.13 0.92 -10.32
C PRO A 57 -21.99 -0.41 -9.59
N VAL A 58 -20.80 -0.99 -9.68
CA VAL A 58 -20.52 -2.25 -9.02
C VAL A 58 -20.14 -1.99 -7.57
N VAL A 59 -20.39 -3.00 -6.73
CA VAL A 59 -20.06 -2.94 -5.31
C VAL A 59 -19.66 -4.33 -4.89
N CYS A 60 -18.49 -4.46 -4.26
CA CYS A 60 -17.99 -5.75 -3.82
C CYS A 60 -18.52 -6.06 -2.44
N VAL A 61 -19.34 -7.10 -2.34
CA VAL A 61 -20.00 -7.46 -1.09
C VAL A 61 -19.32 -8.69 -0.53
N GLN A 62 -19.34 -8.80 0.79
CA GLN A 62 -18.78 -9.95 1.48
C GLN A 62 -19.89 -10.82 2.05
N TRP A 63 -20.54 -10.39 3.14
CA TRP A 63 -21.69 -11.12 3.67
C TRP A 63 -22.90 -10.19 3.65
N ASN A 64 -23.01 -9.34 4.67
CA ASN A 64 -24.01 -8.27 4.69
C ASN A 64 -23.35 -6.90 4.59
N SER A 65 -22.05 -6.85 4.36
CA SER A 65 -21.29 -5.60 4.35
C SER A 65 -20.64 -5.39 2.98
N ILE A 66 -20.24 -4.14 2.75
CA ILE A 66 -19.58 -3.74 1.50
C ILE A 66 -18.11 -3.52 1.81
N ILE A 67 -17.24 -4.14 1.03
CA ILE A 67 -15.80 -4.03 1.23
C ILE A 67 -15.12 -3.17 0.17
N ALA A 68 -15.78 -2.89 -0.95
CA ALA A 68 -15.23 -1.99 -1.95
C ALA A 68 -16.38 -1.35 -2.71
N VAL A 69 -16.27 -0.04 -2.94
CA VAL A 69 -17.31 0.75 -3.59
C VAL A 69 -16.69 1.37 -4.83
N SER A 70 -17.11 0.90 -6.00
CA SER A 70 -16.70 1.56 -7.23
C SER A 70 -17.13 3.02 -7.20
N TYR A 71 -16.34 3.88 -7.85
CA TYR A 71 -16.66 5.30 -7.82
C TYR A 71 -17.88 5.66 -8.64
N ALA A 72 -18.38 4.73 -9.46
CA ALA A 72 -19.69 4.92 -10.08
C ALA A 72 -20.78 4.80 -9.02
N ALA A 73 -20.61 3.87 -8.07
CA ALA A 73 -21.55 3.73 -6.98
C ALA A 73 -21.37 4.78 -5.89
N ARG A 74 -20.22 5.45 -5.84
CA ARG A 74 -20.03 6.53 -4.89
C ARG A 74 -20.83 7.76 -5.29
N LYS A 75 -21.11 7.93 -6.58
CA LYS A 75 -21.92 9.06 -7.01
C LYS A 75 -23.31 9.05 -6.39
N TYR A 76 -23.77 7.89 -5.92
CA TYR A 76 -25.03 7.78 -5.20
C TYR A 76 -24.84 7.83 -3.69
N GLY A 77 -23.65 8.20 -3.22
CA GLY A 77 -23.40 8.33 -1.80
C GLY A 77 -23.15 7.03 -1.06
N ILE A 78 -22.76 5.97 -1.78
CA ILE A 78 -22.52 4.69 -1.14
C ILE A 78 -21.10 4.66 -0.58
N SER A 79 -20.96 4.11 0.63
CA SER A 79 -19.67 3.98 1.27
C SER A 79 -19.59 2.59 1.89
N ARG A 80 -18.45 2.30 2.52
CA ARG A 80 -18.26 1.01 3.17
C ARG A 80 -18.99 0.89 4.50
N MET A 81 -19.54 1.98 5.02
CA MET A 81 -20.32 1.92 6.24
C MET A 81 -21.74 1.41 6.00
N ASP A 82 -22.21 1.45 4.75
CA ASP A 82 -23.56 1.03 4.44
C ASP A 82 -23.63 -0.48 4.27
N THR A 83 -24.80 -1.04 4.62
CA THR A 83 -25.12 -2.41 4.26
C THR A 83 -25.63 -2.44 2.82
N ILE A 84 -25.74 -3.66 2.26
CA ILE A 84 -26.22 -3.79 0.88
C ILE A 84 -27.63 -3.24 0.77
N GLN A 85 -28.46 -3.51 1.78
CA GLN A 85 -29.83 -2.98 1.76
C GLN A 85 -29.84 -1.46 1.77
N GLU A 86 -29.00 -0.85 2.61
CA GLU A 86 -28.90 0.61 2.60
C GLU A 86 -28.46 1.12 1.24
N ALA A 87 -27.52 0.43 0.60
CA ALA A 87 -27.02 0.88 -0.69
C ALA A 87 -28.05 0.70 -1.79
N LEU A 88 -28.83 -0.39 -1.72
CA LEU A 88 -29.89 -0.59 -2.71
C LEU A 88 -30.89 0.54 -2.68
N LYS A 89 -31.22 1.03 -1.48
CA LYS A 89 -32.15 2.16 -1.37
C LYS A 89 -31.52 3.44 -1.90
N LYS A 90 -30.18 3.53 -1.87
CA LYS A 90 -29.49 4.66 -2.45
C LYS A 90 -29.31 4.54 -3.97
N CYS A 91 -29.34 3.31 -4.50
CA CYS A 91 -29.18 3.10 -5.94
C CYS A 91 -30.01 1.89 -6.33
N SER A 92 -30.99 2.09 -7.23
CA SER A 92 -31.87 1.00 -7.61
C SER A 92 -31.30 0.13 -8.73
N ASN A 93 -30.32 0.62 -9.50
CA ASN A 93 -29.66 -0.17 -10.52
C ASN A 93 -28.31 -0.69 -10.05
N LEU A 94 -28.10 -0.74 -8.73
CA LEU A 94 -26.83 -1.19 -8.19
C LEU A 94 -26.53 -2.62 -8.64
N ILE A 95 -25.25 -2.91 -8.81
CA ILE A 95 -24.79 -4.24 -9.20
C ILE A 95 -23.92 -4.79 -8.08
N PRO A 96 -24.50 -5.33 -7.01
CA PRO A 96 -23.69 -5.95 -5.96
C PRO A 96 -23.12 -7.28 -6.44
N ILE A 97 -21.80 -7.41 -6.35
CA ILE A 97 -21.11 -8.64 -6.74
C ILE A 97 -20.43 -9.20 -5.50
N HIS A 98 -20.84 -10.42 -5.13
CA HIS A 98 -20.27 -11.08 -3.95
C HIS A 98 -18.93 -11.69 -4.32
N THR A 99 -17.99 -11.63 -3.37
CA THR A 99 -16.67 -12.20 -3.59
C THR A 99 -16.73 -13.72 -3.70
N ALA A 100 -15.74 -14.28 -4.38
CA ALA A 100 -15.61 -15.73 -4.46
C ALA A 100 -15.59 -16.31 -3.05
N VAL A 101 -15.82 -17.60 -2.92
CA VAL A 101 -16.04 -18.18 -1.59
C VAL A 101 -15.81 -19.68 -1.65
N PHE A 102 -15.17 -20.20 -0.60
CA PHE A 102 -15.07 -21.63 -0.40
C PHE A 102 -16.35 -22.16 0.24
N LYS A 103 -16.63 -23.43 0.01
CA LYS A 103 -17.69 -24.13 0.73
C LYS A 103 -17.06 -25.11 1.71
N LYS A 104 -17.65 -25.18 2.90
CA LYS A 104 -17.19 -26.10 3.94
C LYS A 104 -17.03 -27.51 3.37
N GLY A 105 -15.80 -28.01 3.37
CA GLY A 105 -15.51 -29.36 2.93
C GLY A 105 -15.00 -29.49 1.51
N GLU A 106 -14.76 -28.38 0.82
CA GLU A 106 -14.26 -28.39 -0.55
C GLU A 106 -12.96 -27.62 -0.62
N ASP A 107 -12.00 -28.13 -1.41
CA ASP A 107 -10.68 -27.54 -1.51
C ASP A 107 -10.55 -26.54 -2.66
N PHE A 108 -11.67 -25.95 -3.08
CA PHE A 108 -11.66 -25.01 -4.18
C PHE A 108 -12.70 -23.94 -3.91
N TRP A 109 -12.40 -22.72 -4.34
CA TRP A 109 -13.33 -21.61 -4.23
C TRP A 109 -14.07 -21.42 -5.55
N GLN A 110 -15.17 -20.67 -5.48
CA GLN A 110 -16.12 -20.63 -6.58
C GLN A 110 -16.92 -19.33 -6.47
N TYR A 111 -17.09 -18.65 -7.61
CA TYR A 111 -17.95 -17.48 -7.65
C TYR A 111 -19.41 -17.92 -7.78
N HIS A 112 -20.28 -17.33 -6.96
CA HIS A 112 -21.71 -17.60 -7.04
C HIS A 112 -22.42 -16.35 -7.52
N ASP A 113 -22.12 -15.92 -8.75
CA ASP A 113 -22.71 -14.71 -9.29
C ASP A 113 -24.23 -14.81 -9.30
N GLY A 114 -24.89 -13.70 -9.02
CA GLY A 114 -26.33 -13.66 -8.89
C GLY A 114 -26.87 -14.08 -7.55
N CYS A 115 -25.99 -14.42 -6.60
CA CYS A 115 -26.41 -14.86 -5.27
C CYS A 115 -25.92 -13.87 -4.23
N GLY A 116 -26.52 -13.94 -3.05
CA GLY A 116 -26.19 -13.04 -1.97
C GLY A 116 -27.38 -12.81 -1.07
N SER A 117 -27.11 -12.15 0.06
CA SER A 117 -28.15 -11.92 1.05
C SER A 117 -29.17 -10.87 0.62
N TRP A 118 -28.97 -10.20 -0.51
CA TRP A 118 -29.86 -9.13 -0.94
C TRP A 118 -31.01 -9.63 -1.80
N VAL A 119 -30.85 -10.80 -2.44
CA VAL A 119 -31.91 -11.35 -3.29
C VAL A 119 -32.94 -12.03 -2.38
N GLN A 120 -34.09 -12.35 -2.95
CA GLN A 120 -35.20 -12.92 -2.18
C GLN A 120 -35.22 -14.44 -2.25
N ASP A 121 -34.90 -15.01 -3.41
CA ASP A 121 -34.89 -16.46 -3.60
C ASP A 121 -34.00 -17.12 -2.56
N PRO A 122 -34.51 -18.08 -1.78
CA PRO A 122 -33.66 -18.75 -0.77
C PRO A 122 -32.62 -19.68 -1.37
N ALA A 123 -32.73 -20.06 -2.64
CA ALA A 123 -31.72 -20.89 -3.28
C ALA A 123 -30.53 -20.10 -3.76
N LYS A 124 -30.70 -18.79 -3.99
CA LYS A 124 -29.62 -17.91 -4.43
C LYS A 124 -28.92 -17.24 -3.25
N GLN A 125 -28.70 -17.98 -2.16
CA GLN A 125 -28.08 -17.45 -0.97
C GLN A 125 -26.66 -17.97 -0.83
N ILE A 126 -25.81 -17.20 -0.16
CA ILE A 126 -24.46 -17.62 0.18
C ILE A 126 -24.35 -17.64 1.70
N SER A 127 -24.80 -18.73 2.32
CA SER A 127 -24.85 -18.80 3.77
C SER A 127 -23.46 -18.58 4.35
N VAL A 128 -23.37 -17.71 5.36
CA VAL A 128 -22.10 -17.48 6.05
C VAL A 128 -21.73 -18.66 6.93
N GLU A 129 -22.71 -19.45 7.36
CA GLU A 129 -22.45 -20.51 8.33
C GLU A 129 -21.51 -21.57 7.77
N ASP A 130 -21.58 -21.84 6.47
CA ASP A 130 -20.80 -22.91 5.85
C ASP A 130 -20.02 -22.41 4.63
N HIS A 131 -19.44 -21.21 4.75
CA HIS A 131 -18.68 -20.61 3.66
C HIS A 131 -17.59 -19.73 4.24
N LYS A 132 -16.51 -19.56 3.47
CA LYS A 132 -15.42 -18.67 3.84
C LYS A 132 -14.97 -17.89 2.61
N VAL A 133 -14.68 -16.60 2.81
CA VAL A 133 -14.28 -15.74 1.70
C VAL A 133 -12.96 -16.21 1.12
N SER A 134 -12.79 -15.99 -0.18
CA SER A 134 -11.51 -16.21 -0.85
C SER A 134 -11.07 -14.90 -1.51
N LEU A 135 -9.83 -14.53 -1.26
CA LEU A 135 -9.25 -13.32 -1.85
C LEU A 135 -8.26 -13.63 -2.96
N GLU A 136 -8.13 -14.89 -3.36
CA GLU A 136 -7.19 -15.25 -4.42
C GLU A 136 -7.40 -14.43 -5.68
N PRO A 137 -8.62 -14.25 -6.20
CA PRO A 137 -8.77 -13.43 -7.41
C PRO A 137 -8.08 -12.08 -7.31
N TYR A 138 -8.09 -11.47 -6.13
CA TYR A 138 -7.47 -10.16 -5.95
C TYR A 138 -5.95 -10.27 -5.83
N ARG A 139 -5.46 -11.31 -5.13
CA ARG A 139 -4.02 -11.54 -5.08
C ARG A 139 -3.47 -11.82 -6.48
N ARG A 140 -4.21 -12.58 -7.29
CA ARG A 140 -3.74 -12.89 -8.64
C ARG A 140 -3.70 -11.64 -9.51
N GLU A 141 -4.73 -10.80 -9.44
CA GLU A 141 -4.76 -9.59 -10.24
C GLU A 141 -3.71 -8.59 -9.77
N SER A 142 -3.54 -8.46 -8.45
CA SER A 142 -2.50 -7.58 -7.92
C SER A 142 -1.13 -7.98 -8.45
N ARG A 143 -0.82 -9.28 -8.37
CA ARG A 143 0.43 -9.78 -8.92
C ARG A 143 0.65 -9.34 -10.37
N LYS A 144 -0.41 -9.37 -11.19
CA LYS A 144 -0.25 -8.92 -12.58
C LYS A 144 0.18 -7.47 -12.63
N ALA A 145 -0.33 -6.63 -11.71
CA ALA A 145 0.05 -5.23 -11.71
C ALA A 145 1.53 -5.07 -11.37
N LEU A 146 2.02 -5.83 -10.40
CA LEU A 146 3.42 -5.73 -10.01
C LEU A 146 4.34 -6.12 -11.17
N LYS A 147 3.98 -7.17 -11.92
CA LYS A 147 4.80 -7.56 -13.05
C LYS A 147 4.91 -6.44 -14.08
N ILE A 148 3.85 -5.64 -14.21
CA ILE A 148 3.90 -4.49 -15.12
C ILE A 148 4.74 -3.37 -14.50
N PHE A 149 4.60 -3.15 -13.21
CA PHE A 149 5.41 -2.15 -12.53
C PHE A 149 6.89 -2.53 -12.54
N LYS A 150 7.20 -3.76 -12.14
CA LYS A 150 8.60 -4.17 -12.01
C LYS A 150 9.33 -4.19 -13.34
N SER A 151 8.60 -4.21 -14.46
CA SER A 151 9.22 -4.20 -15.77
C SER A 151 9.50 -2.80 -16.29
N ALA A 152 8.80 -1.79 -15.78
CA ALA A 152 8.99 -0.41 -16.21
C ALA A 152 9.81 0.41 -15.21
N CYS A 153 10.09 -0.14 -14.03
CA CYS A 153 10.83 0.58 -12.99
C CYS A 153 11.73 -0.41 -12.28
N ASP A 154 13.01 -0.06 -12.12
CA ASP A 154 13.99 -0.97 -11.55
C ASP A 154 13.93 -1.02 -10.03
N LEU A 155 12.95 -0.36 -9.41
CA LEU A 155 12.80 -0.37 -7.96
C LEU A 155 11.33 -0.12 -7.65
N VAL A 156 10.67 -1.11 -7.05
CA VAL A 156 9.23 -1.06 -6.81
C VAL A 156 8.95 -1.64 -5.43
N GLU A 157 8.19 -0.89 -4.63
CA GLU A 157 7.78 -1.33 -3.30
C GLU A 157 6.29 -1.64 -3.34
N ARG A 158 5.93 -2.86 -2.94
CA ARG A 158 4.53 -3.28 -2.83
C ARG A 158 4.08 -2.90 -1.42
N ALA A 159 3.53 -1.70 -1.29
CA ALA A 159 3.07 -1.24 0.02
C ALA A 159 1.84 -2.01 0.49
N SER A 160 1.02 -2.49 -0.44
CA SER A 160 -0.16 -3.26 -0.10
C SER A 160 -0.66 -3.91 -1.39
N ILE A 161 -1.77 -4.65 -1.28
CA ILE A 161 -2.29 -5.38 -2.43
C ILE A 161 -2.74 -4.43 -3.54
N ASP A 162 -2.95 -3.15 -3.24
CA ASP A 162 -3.44 -2.19 -4.23
C ASP A 162 -2.63 -0.91 -4.26
N GLU A 163 -1.43 -0.90 -3.65
CA GLU A 163 -0.60 0.30 -3.59
C GLU A 163 0.84 -0.06 -3.88
N VAL A 164 1.54 0.81 -4.60
CA VAL A 164 2.96 0.65 -4.87
C VAL A 164 3.64 2.00 -4.85
N PHE A 165 4.92 1.99 -4.47
CA PHE A 165 5.81 3.12 -4.68
C PHE A 165 6.76 2.82 -5.82
N LEU A 166 7.12 3.84 -6.58
CA LEU A 166 8.12 3.74 -7.63
C LEU A 166 9.21 4.77 -7.39
N ASP A 167 10.46 4.39 -7.66
CA ASP A 167 11.59 5.31 -7.66
C ASP A 167 11.97 5.50 -9.12
N LEU A 168 11.52 6.61 -9.70
CA LEU A 168 11.78 6.93 -11.10
C LEU A 168 13.15 7.57 -11.33
N GLY A 169 14.03 7.52 -10.32
CA GLY A 169 15.35 8.13 -10.42
C GLY A 169 16.12 7.78 -11.67
N ARG A 170 16.46 6.50 -11.85
CA ARG A 170 17.27 6.09 -12.99
C ARG A 170 16.62 6.49 -14.31
N ILE A 171 15.31 6.33 -14.42
CA ILE A 171 14.63 6.65 -15.67
C ILE A 171 14.72 8.15 -15.96
N CYS A 172 14.49 8.98 -14.93
CA CYS A 172 14.55 10.42 -15.13
C CYS A 172 15.96 10.86 -15.51
N PHE A 173 16.97 10.37 -14.79
CA PHE A 173 18.34 10.79 -15.05
C PHE A 173 18.76 10.43 -16.48
N ASN A 174 18.59 9.17 -16.87
CA ASN A 174 18.97 8.77 -18.22
C ASN A 174 18.20 9.55 -19.28
N MET A 175 16.91 9.79 -19.02
CA MET A 175 16.12 10.58 -19.96
C MET A 175 16.65 12.00 -20.04
N LEU A 176 17.03 12.57 -18.90
CA LEU A 176 17.54 13.94 -18.88
C LEU A 176 18.83 14.07 -19.69
N MET A 177 19.71 13.06 -19.61
CA MET A 177 21.06 13.18 -20.14
C MET A 177 21.26 12.54 -21.51
N PHE A 178 20.44 11.57 -21.89
CA PHE A 178 20.73 10.78 -23.09
C PHE A 178 19.56 10.60 -24.05
N ASP A 179 18.32 10.88 -23.65
CA ASP A 179 17.18 10.68 -24.55
C ASP A 179 17.26 11.65 -25.72
N ASN A 180 17.43 11.12 -26.93
CA ASN A 180 17.53 11.91 -28.15
C ASN A 180 16.27 11.86 -29.00
N GLU A 181 15.20 11.22 -28.53
CA GLU A 181 13.97 11.13 -29.28
C GLU A 181 12.83 12.00 -28.74
N TYR A 182 12.88 12.37 -27.47
CA TYR A 182 11.80 13.14 -26.87
C TYR A 182 11.73 14.55 -27.47
N GLU A 183 10.52 15.02 -27.69
CA GLU A 183 10.28 16.33 -28.31
C GLU A 183 9.46 17.19 -27.37
N LEU A 184 9.96 18.40 -27.08
CA LEU A 184 9.16 19.37 -26.35
C LEU A 184 8.05 19.93 -27.23
N THR A 185 8.41 20.33 -28.45
CA THR A 185 7.45 20.77 -29.46
C THR A 185 7.95 20.28 -30.82
N GLY A 186 7.26 20.67 -31.88
CA GLY A 186 7.66 20.25 -33.21
C GLY A 186 9.00 20.80 -33.63
N ASP A 187 9.52 21.82 -32.93
CA ASP A 187 10.77 22.47 -33.29
C ASP A 187 11.93 22.18 -32.35
N LEU A 188 11.65 21.67 -31.14
CA LEU A 188 12.66 21.57 -30.09
C LEU A 188 12.67 20.17 -29.53
N LYS A 189 13.83 19.53 -29.56
CA LYS A 189 14.05 18.23 -28.93
C LYS A 189 14.80 18.41 -27.62
N LEU A 190 14.74 17.38 -26.77
CA LEU A 190 15.46 17.44 -25.50
C LEU A 190 16.95 17.57 -25.73
N LYS A 191 17.49 16.81 -26.68
CA LYS A 191 18.93 16.81 -26.92
C LYS A 191 19.43 18.22 -27.21
N ASP A 192 18.61 19.06 -27.83
CA ASP A 192 19.02 20.42 -28.14
C ASP A 192 18.81 21.36 -26.95
N ALA A 193 17.68 21.23 -26.25
CA ALA A 193 17.38 22.12 -25.13
C ALA A 193 18.35 21.90 -23.97
N LEU A 194 18.82 20.67 -23.76
CA LEU A 194 19.69 20.35 -22.63
C LEU A 194 21.13 20.08 -23.08
N SER A 195 21.49 20.46 -24.30
CA SER A 195 22.84 20.21 -24.77
C SER A 195 23.89 20.80 -23.82
N ASN A 196 23.53 21.86 -23.09
CA ASN A 196 24.49 22.51 -22.20
C ASN A 196 24.86 21.61 -21.03
N ILE A 197 23.87 21.08 -20.32
CA ILE A 197 24.16 20.23 -19.17
C ILE A 197 24.68 18.87 -19.61
N ARG A 198 24.20 18.37 -20.75
CA ARG A 198 24.68 17.09 -21.25
C ARG A 198 26.17 17.17 -21.58
N GLU A 199 26.57 18.22 -22.30
CA GLU A 199 27.98 18.39 -22.61
C GLU A 199 28.79 18.61 -21.33
N ALA A 200 28.22 19.32 -20.36
CA ALA A 200 28.90 19.49 -19.08
C ALA A 200 29.09 18.17 -18.37
N PHE A 201 28.09 17.28 -18.45
CA PHE A 201 28.17 16.00 -17.76
C PHE A 201 29.16 15.07 -18.43
N ILE A 202 29.05 14.91 -19.75
CA ILE A 202 30.03 14.11 -20.47
C ILE A 202 31.42 14.71 -20.31
N GLY A 203 31.51 16.04 -20.31
CA GLY A 203 32.81 16.69 -20.16
C GLY A 203 33.54 16.25 -18.91
N GLY A 204 32.86 16.25 -17.77
CA GLY A 204 33.45 15.78 -16.54
C GLY A 204 34.37 16.78 -15.86
N ASN A 205 34.30 18.06 -16.23
CA ASN A 205 35.16 19.09 -15.67
C ASN A 205 34.57 19.75 -14.43
N TYR A 206 33.72 19.05 -13.69
CA TYR A 206 33.03 19.60 -12.53
C TYR A 206 33.48 18.89 -11.27
N ASP A 207 33.48 19.62 -10.16
CA ASP A 207 33.57 19.01 -8.85
C ASP A 207 32.17 18.55 -8.46
N ILE A 208 32.08 17.38 -7.82
CA ILE A 208 30.77 16.80 -7.53
C ILE A 208 29.95 17.71 -6.63
N ASN A 209 30.62 18.59 -5.87
CA ASN A 209 29.93 19.56 -5.04
C ASN A 209 29.78 20.92 -5.72
N SER A 210 30.20 21.04 -6.97
CA SER A 210 29.89 22.23 -7.74
C SER A 210 28.39 22.32 -7.98
N HIS A 211 27.91 23.54 -8.18
CA HIS A 211 26.50 23.75 -8.46
C HIS A 211 26.22 23.57 -9.94
N LEU A 212 25.09 22.95 -10.25
CA LEU A 212 24.69 22.74 -11.63
C LEU A 212 24.54 24.09 -12.34
N PRO A 213 24.62 24.11 -13.66
CA PRO A 213 24.32 25.35 -14.38
C PRO A 213 22.85 25.70 -14.29
N LEU A 214 22.56 26.98 -14.51
CA LEU A 214 21.17 27.42 -14.54
C LEU A 214 20.41 26.67 -15.63
N ILE A 215 19.14 26.38 -15.35
CA ILE A 215 18.32 25.75 -16.38
C ILE A 215 18.25 26.67 -17.60
N PRO A 216 18.31 26.17 -18.82
CA PRO A 216 18.11 27.04 -19.98
C PRO A 216 16.65 27.44 -20.15
N GLU A 217 16.44 28.64 -20.69
CA GLU A 217 15.07 29.08 -20.98
C GLU A 217 14.34 28.08 -21.86
N LYS A 218 15.07 27.33 -22.69
CA LYS A 218 14.43 26.42 -23.63
C LYS A 218 13.59 25.37 -22.91
N ILE A 219 14.02 24.93 -21.72
CA ILE A 219 13.36 23.79 -21.06
C ILE A 219 12.07 24.18 -20.36
N LYS A 220 11.78 25.46 -20.20
CA LYS A 220 10.51 25.84 -19.58
C LYS A 220 9.30 25.48 -20.45
N SER A 221 9.52 25.10 -21.70
CA SER A 221 8.43 24.58 -22.52
C SER A 221 8.01 23.17 -22.09
N LEU A 222 8.83 22.48 -21.30
CA LEU A 222 8.50 21.14 -20.86
C LEU A 222 7.19 21.13 -20.08
N LYS A 223 6.33 20.18 -20.41
CA LYS A 223 4.96 20.15 -19.91
C LYS A 223 4.83 19.07 -18.84
N PHE A 224 4.10 19.39 -17.78
CA PHE A 224 3.74 18.40 -16.76
C PHE A 224 2.52 17.62 -17.23
N GLU A 225 2.58 16.30 -17.10
CA GLU A 225 1.43 15.43 -17.38
C GLU A 225 0.73 15.17 -16.06
N GLY A 226 -0.41 15.82 -15.85
CA GLY A 226 -1.18 15.68 -14.64
C GLY A 226 -1.57 17.03 -14.07
N ASP A 227 -2.22 16.98 -12.90
CA ASP A 227 -2.70 18.18 -12.23
C ASP A 227 -1.63 18.69 -11.28
N VAL A 228 -0.93 19.75 -11.69
CA VAL A 228 0.12 20.35 -10.88
C VAL A 228 -0.56 21.16 -9.76
N PHE A 229 -0.37 20.72 -8.52
CA PHE A 229 -0.91 21.45 -7.37
C PHE A 229 -0.17 22.78 -7.25
N ASN A 230 -0.83 23.88 -7.58
CA ASN A 230 -0.19 25.19 -7.59
C ASN A 230 -1.22 26.29 -7.32
N PRO A 231 -1.76 26.32 -6.09
CA PRO A 231 -2.78 27.34 -5.80
C PRO A 231 -2.25 28.76 -5.76
N GLU A 232 -0.95 28.97 -5.57
CA GLU A 232 -0.36 30.30 -5.49
C GLU A 232 0.21 30.77 -6.82
N GLY A 233 -0.01 30.02 -7.90
CA GLY A 233 0.42 30.43 -9.22
C GLY A 233 1.91 30.66 -9.34
N ARG A 234 2.70 29.72 -8.82
CA ARG A 234 4.14 29.80 -8.94
C ARG A 234 4.59 29.32 -10.32
N ASP A 235 5.76 29.78 -10.73
CA ASP A 235 6.33 29.33 -12.00
C ASP A 235 6.56 27.82 -11.96
N LEU A 236 6.25 27.16 -13.07
CA LEU A 236 6.25 25.70 -13.10
C LEU A 236 7.66 25.13 -13.11
N ILE A 237 8.47 25.52 -14.10
CA ILE A 237 9.83 25.02 -14.26
C ILE A 237 10.79 26.12 -13.81
N THR A 238 11.25 26.04 -12.57
CA THR A 238 12.17 27.03 -12.01
C THR A 238 13.53 26.47 -11.67
N ASP A 239 13.74 25.16 -11.76
CA ASP A 239 15.03 24.56 -11.44
C ASP A 239 14.98 23.10 -11.89
N TRP A 240 16.09 22.38 -11.64
CA TRP A 240 16.22 21.01 -12.10
C TRP A 240 15.30 20.05 -11.36
N ASP A 241 14.90 20.39 -10.13
CA ASP A 241 13.95 19.53 -9.43
C ASP A 241 12.63 19.48 -10.18
N ASP A 242 12.21 20.61 -10.76
CA ASP A 242 10.98 20.64 -11.53
C ASP A 242 11.16 19.96 -12.89
N VAL A 243 12.35 20.07 -13.48
CA VAL A 243 12.61 19.38 -14.75
C VAL A 243 12.53 17.88 -14.56
N ILE A 244 13.17 17.37 -13.50
CA ILE A 244 13.09 15.95 -13.19
C ILE A 244 11.64 15.55 -12.96
N LEU A 245 10.94 16.30 -12.11
CA LEU A 245 9.56 15.96 -11.78
C LEU A 245 8.67 15.96 -13.02
N ALA A 246 8.90 16.91 -13.94
CA ALA A 246 8.11 16.97 -15.16
C ALA A 246 8.31 15.72 -15.99
N LEU A 247 9.58 15.33 -16.21
CA LEU A 247 9.86 14.12 -16.96
C LEU A 247 9.23 12.90 -16.28
N GLY A 248 9.29 12.85 -14.95
CA GLY A 248 8.70 11.73 -14.24
C GLY A 248 7.20 11.65 -14.40
N SER A 249 6.54 12.80 -14.53
CA SER A 249 5.10 12.80 -14.78
C SER A 249 4.77 12.17 -16.13
N GLN A 250 5.57 12.48 -17.15
CA GLN A 250 5.39 11.85 -18.46
C GLN A 250 5.58 10.33 -18.35
N VAL A 251 6.70 9.91 -17.77
CA VAL A 251 6.99 8.48 -17.64
C VAL A 251 5.88 7.79 -16.85
N CYS A 252 5.49 8.38 -15.73
CA CYS A 252 4.52 7.74 -14.85
C CYS A 252 3.14 7.63 -15.51
N LYS A 253 2.78 8.57 -16.37
CA LYS A 253 1.53 8.46 -17.12
C LYS A 253 1.54 7.22 -18.01
N GLY A 254 2.70 6.89 -18.58
CA GLY A 254 2.79 5.72 -19.45
C GLY A 254 2.63 4.42 -18.68
N ILE A 255 3.25 4.32 -17.51
CA ILE A 255 3.11 3.12 -16.70
C ILE A 255 1.65 2.93 -16.29
N ARG A 256 0.99 4.02 -15.88
CA ARG A 256 -0.40 3.93 -15.47
C ARG A 256 -1.32 3.58 -16.64
N ASP A 257 -0.96 4.00 -17.85
CA ASP A 257 -1.72 3.61 -19.03
C ASP A 257 -1.46 2.17 -19.43
N SER A 258 -0.30 1.61 -19.06
CA SER A 258 -0.06 0.19 -19.27
C SER A 258 -0.97 -0.64 -18.37
N ILE A 259 -1.15 -0.22 -17.12
CA ILE A 259 -2.05 -0.91 -16.21
C ILE A 259 -3.48 -0.91 -16.75
N LYS A 260 -3.86 0.16 -17.46
CA LYS A 260 -5.23 0.27 -17.95
C LYS A 260 -5.42 -0.40 -19.30
N ASP A 261 -4.38 -0.45 -20.14
CA ASP A 261 -4.52 -1.09 -21.44
C ASP A 261 -4.40 -2.61 -21.33
N ILE A 262 -3.59 -3.10 -20.40
CA ILE A 262 -3.40 -4.54 -20.22
C ILE A 262 -4.47 -5.13 -19.30
N LEU A 263 -4.74 -4.47 -18.17
CA LEU A 263 -5.63 -5.00 -17.16
C LEU A 263 -6.95 -4.25 -17.03
N GLY A 264 -7.01 -3.00 -17.44
CA GLY A 264 -8.23 -2.23 -17.36
C GLY A 264 -8.46 -1.51 -16.05
N TYR A 265 -7.47 -1.48 -15.17
CA TYR A 265 -7.62 -0.85 -13.86
C TYR A 265 -7.19 0.61 -13.92
N THR A 266 -7.96 1.47 -13.28
CA THR A 266 -7.61 2.87 -13.16
C THR A 266 -6.75 3.08 -11.92
N THR A 267 -6.02 4.20 -11.89
CA THR A 267 -5.10 4.47 -10.81
C THR A 267 -5.04 5.96 -10.53
N SER A 268 -5.07 6.31 -9.24
CA SER A 268 -4.71 7.65 -8.80
C SER A 268 -3.24 7.66 -8.41
N CYS A 269 -2.60 8.81 -8.58
CA CYS A 269 -1.15 8.85 -8.48
C CYS A 269 -0.71 10.13 -7.77
N GLY A 270 0.40 10.00 -7.06
CA GLY A 270 1.06 11.14 -6.45
C GLY A 270 2.51 11.16 -6.83
N LEU A 271 3.01 12.34 -7.18
CA LEU A 271 4.36 12.51 -7.69
C LEU A 271 5.04 13.63 -6.92
N SER A 272 6.16 13.32 -6.28
CA SER A 272 6.91 14.33 -5.52
C SER A 272 8.31 13.78 -5.27
N SER A 273 8.99 14.35 -4.27
CA SER A 273 10.36 13.97 -3.94
C SER A 273 10.46 13.10 -2.69
N THR A 274 9.33 12.74 -2.08
CA THR A 274 9.35 11.91 -0.88
C THR A 274 8.12 11.02 -0.89
N LYS A 275 8.24 9.88 -0.21
CA LYS A 275 7.13 8.93 -0.13
C LYS A 275 5.95 9.52 0.63
N ASN A 276 6.19 10.08 1.82
CA ASN A 276 5.10 10.63 2.62
C ASN A 276 4.23 11.57 1.80
N VAL A 277 4.86 12.47 1.03
CA VAL A 277 4.10 13.40 0.22
C VAL A 277 3.44 12.67 -0.95
N CYS A 278 4.13 11.71 -1.54
CA CYS A 278 3.55 10.95 -2.65
C CYS A 278 2.25 10.27 -2.23
N LYS A 279 2.23 9.69 -1.04
CA LYS A 279 1.03 8.98 -0.59
C LYS A 279 -0.11 9.95 -0.33
N LEU A 280 0.20 11.16 0.17
CA LEU A 280 -0.84 12.16 0.36
C LEU A 280 -1.38 12.65 -0.99
N ALA A 281 -0.50 12.83 -1.96
CA ALA A 281 -0.93 13.35 -3.26
C ALA A 281 -1.86 12.37 -3.97
N SER A 282 -1.55 11.08 -3.90
CA SER A 282 -2.35 10.09 -4.61
C SER A 282 -3.77 10.02 -4.07
N ASN A 283 -3.96 10.38 -2.80
CA ASN A 283 -5.27 10.38 -2.17
C ASN A 283 -5.92 11.77 -2.19
N TYR A 284 -5.28 12.74 -2.86
CA TYR A 284 -5.82 14.10 -2.93
C TYR A 284 -6.85 14.24 -4.05
N LYS A 285 -6.59 13.63 -5.21
CA LYS A 285 -7.54 13.61 -6.30
C LYS A 285 -7.59 12.20 -6.88
N LYS A 286 -8.80 11.64 -6.96
CA LYS A 286 -8.99 10.28 -7.47
C LYS A 286 -10.42 10.17 -7.97
N PRO A 287 -10.69 9.23 -8.90
CA PRO A 287 -9.80 8.24 -9.51
C PRO A 287 -9.18 8.68 -10.84
N ASP A 288 -8.31 7.84 -11.38
CA ASP A 288 -7.71 8.07 -12.70
C ASP A 288 -7.12 9.47 -12.76
N ALA A 289 -6.37 9.84 -11.73
CA ALA A 289 -5.79 11.16 -11.61
C ALA A 289 -4.29 11.04 -11.34
N GLN A 290 -3.61 12.19 -11.41
CA GLN A 290 -2.17 12.24 -11.21
C GLN A 290 -1.85 13.61 -10.63
N THR A 291 -1.45 13.64 -9.35
CA THR A 291 -1.19 14.87 -8.63
C THR A 291 0.30 15.10 -8.52
N ILE A 292 0.76 16.25 -9.01
CA ILE A 292 2.18 16.63 -8.99
C ILE A 292 2.38 17.69 -7.91
N VAL A 293 3.42 17.52 -7.10
CA VAL A 293 3.73 18.44 -6.01
C VAL A 293 5.20 18.86 -6.17
N LYS A 294 5.42 19.97 -6.86
CA LYS A 294 6.75 20.56 -6.98
C LYS A 294 7.37 20.79 -5.61
N ASN A 295 8.70 20.88 -5.54
CA ASN A 295 9.35 21.17 -4.27
C ASN A 295 8.98 22.56 -3.76
N ASP A 296 8.86 23.53 -4.65
CA ASP A 296 8.51 24.89 -4.26
C ASP A 296 7.03 25.03 -3.89
N CYS A 297 6.24 23.97 -4.00
CA CYS A 297 4.83 23.98 -3.60
C CYS A 297 4.55 23.01 -2.45
N LEU A 298 5.58 22.55 -1.76
CA LEU A 298 5.39 21.54 -0.72
C LEU A 298 4.63 22.10 0.46
N LEU A 299 5.00 23.30 0.93
CA LEU A 299 4.30 23.88 2.08
C LEU A 299 2.88 24.26 1.71
N ASP A 300 2.65 24.72 0.48
CA ASP A 300 1.28 24.97 0.03
C ASP A 300 0.43 23.71 0.13
N PHE A 301 1.02 22.56 -0.18
CA PHE A 301 0.26 21.31 -0.17
C PHE A 301 -0.04 20.86 1.25
N LEU A 302 0.98 20.81 2.11
CA LEU A 302 0.78 20.35 3.47
C LEU A 302 -0.16 21.26 4.26
N ASP A 303 -0.36 22.50 3.82
CA ASP A 303 -1.20 23.45 4.53
C ASP A 303 -2.53 23.69 3.82
N CYS A 304 -2.84 22.93 2.76
CA CYS A 304 -4.07 23.13 2.03
C CYS A 304 -5.32 22.87 2.87
N GLY A 305 -5.16 22.32 4.08
CA GLY A 305 -6.27 22.11 4.99
C GLY A 305 -6.65 20.66 5.19
N LYS A 306 -6.30 19.78 4.25
CA LYS A 306 -6.67 18.38 4.38
C LYS A 306 -5.85 17.64 5.42
N PHE A 307 -4.64 18.12 5.73
CA PHE A 307 -3.65 17.35 6.46
C PHE A 307 -3.32 17.98 7.80
N GLU A 308 -3.13 17.13 8.80
CA GLU A 308 -2.60 17.50 10.11
C GLU A 308 -1.41 16.59 10.41
N ILE A 309 -0.80 16.79 11.58
CA ILE A 309 0.34 15.97 11.98
C ILE A 309 0.00 14.49 11.93
N THR A 310 -1.23 14.14 12.30
CA THR A 310 -1.64 12.74 12.38
C THR A 310 -1.85 12.10 11.01
N SER A 311 -1.69 12.84 9.92
CA SER A 311 -1.94 12.30 8.59
C SER A 311 -0.74 11.54 8.02
N PHE A 312 0.40 11.54 8.71
CA PHE A 312 1.59 10.90 8.18
C PHE A 312 1.60 9.41 8.49
N TRP A 313 2.38 8.67 7.70
CA TRP A 313 2.32 7.21 7.71
C TRP A 313 2.42 6.63 9.12
N THR A 314 3.31 7.19 9.95
CA THR A 314 3.60 6.60 11.24
C THR A 314 3.02 7.36 12.42
N LEU A 315 2.43 8.53 12.20
CA LEU A 315 1.98 9.38 13.29
C LEU A 315 0.46 9.35 13.47
N GLY A 316 -0.21 8.32 12.97
CA GLY A 316 -1.65 8.25 13.08
C GLY A 316 -2.17 7.65 14.37
N GLY A 317 -1.33 6.88 15.06
CA GLY A 317 -1.75 6.16 16.24
C GLY A 317 -1.56 6.93 17.53
N VAL A 318 -1.28 6.18 18.60
CA VAL A 318 -1.10 6.79 19.92
C VAL A 318 0.06 7.78 19.88
N LEU A 319 1.11 7.47 19.12
CA LEU A 319 2.28 8.35 19.05
C LEU A 319 1.89 9.76 18.65
N GLY A 320 1.06 9.89 17.61
CA GLY A 320 0.66 11.22 17.17
C GLY A 320 -0.09 11.98 18.25
N LYS A 321 -1.05 11.33 18.90
CA LYS A 321 -1.89 12.03 19.86
C LYS A 321 -1.10 12.46 21.10
N GLU A 322 -0.07 11.69 21.48
CA GLU A 322 0.79 12.14 22.57
C GLU A 322 1.62 13.35 22.16
N LEU A 323 2.04 13.41 20.90
CA LEU A 323 2.79 14.57 20.42
C LEU A 323 1.94 15.83 20.45
N ILE A 324 0.65 15.71 20.16
CA ILE A 324 -0.26 16.86 20.21
C ILE A 324 -0.31 17.45 21.61
N ASP A 325 -0.14 16.61 22.63
CA ASP A 325 -0.14 17.08 24.01
C ASP A 325 1.24 17.56 24.46
N VAL A 326 2.28 16.81 24.09
CA VAL A 326 3.65 17.20 24.49
C VAL A 326 4.04 18.51 23.82
N LEU A 327 3.86 18.60 22.50
CA LEU A 327 4.22 19.80 21.77
C LEU A 327 3.15 20.88 21.86
N ASP A 328 2.03 20.60 22.54
CA ASP A 328 0.93 21.56 22.67
C ASP A 328 0.58 22.13 21.30
N LEU A 329 0.19 21.23 20.41
CA LEU A 329 -0.14 21.61 19.05
C LEU A 329 -1.59 22.06 18.95
N PRO A 330 -1.89 23.01 18.06
CA PRO A 330 -3.30 23.33 17.80
C PRO A 330 -4.00 22.17 17.12
N HIS A 331 -5.33 22.22 17.16
CA HIS A 331 -6.12 21.15 16.55
C HIS A 331 -6.18 21.28 15.03
N GLU A 332 -5.88 22.46 14.49
CA GLU A 332 -5.87 22.68 13.05
C GLU A 332 -4.60 23.43 12.67
N ASN A 333 -4.04 23.07 11.51
CA ASN A 333 -2.77 23.62 11.06
C ASN A 333 -1.64 23.28 12.04
N SER A 334 -1.64 22.03 12.52
CA SER A 334 -0.58 21.58 13.40
C SER A 334 0.74 21.45 12.65
N ILE A 335 0.69 21.15 11.36
CA ILE A 335 1.91 21.10 10.56
C ILE A 335 2.57 22.47 10.53
N LYS A 336 1.83 23.48 10.06
CA LYS A 336 2.38 24.83 10.00
C LYS A 336 2.89 25.27 11.36
N HIS A 337 2.22 24.84 12.44
CA HIS A 337 2.65 25.22 13.78
C HIS A 337 4.01 24.60 14.11
N ILE A 338 4.22 23.34 13.71
CA ILE A 338 5.50 22.68 13.96
C ILE A 338 6.63 23.43 13.26
N ARG A 339 6.40 23.80 11.99
CA ARG A 339 7.43 24.54 11.25
C ARG A 339 7.80 25.84 11.97
N GLU A 340 6.80 26.63 12.32
CA GLU A 340 7.06 28.00 12.76
C GLU A 340 7.48 28.07 14.23
N THR A 341 7.07 27.09 15.05
CA THR A 341 7.49 27.10 16.45
C THR A 341 8.95 26.72 16.58
N TRP A 342 9.48 25.91 15.66
CA TRP A 342 10.89 25.53 15.62
C TRP A 342 11.36 25.67 14.19
N PRO A 343 11.56 26.90 13.71
CA PRO A 343 11.77 27.12 12.28
C PRO A 343 13.22 26.99 11.82
N ASP A 344 14.16 27.09 12.75
CA ASP A 344 15.57 27.20 12.37
C ASP A 344 16.18 25.82 12.11
N ASN A 345 16.09 24.92 13.08
CA ASN A 345 16.72 23.60 12.93
C ASN A 345 16.05 22.62 13.87
N ALA A 346 16.21 21.33 13.56
CA ALA A 346 15.63 20.29 14.39
C ALA A 346 16.18 20.30 15.80
N GLY A 347 17.36 20.88 16.01
CA GLY A 347 17.90 20.96 17.36
C GLY A 347 16.99 21.70 18.31
N GLN A 348 16.34 22.77 17.83
CA GLN A 348 15.39 23.50 18.66
C GLN A 348 14.30 22.58 19.17
N LEU A 349 13.71 21.78 18.29
CA LEU A 349 12.66 20.86 18.69
C LEU A 349 13.20 19.76 19.60
N LYS A 350 14.45 19.34 19.38
CA LYS A 350 15.05 18.34 20.27
C LYS A 350 15.24 18.89 21.67
N GLU A 351 15.70 20.14 21.79
CA GLU A 351 15.83 20.76 23.10
C GLU A 351 14.48 20.89 23.79
N PHE A 352 13.41 21.08 23.02
CA PHE A 352 12.07 21.17 23.58
C PHE A 352 11.64 19.80 24.12
N LEU A 353 11.84 18.74 23.33
CA LEU A 353 11.48 17.41 23.78
C LEU A 353 12.32 16.98 24.99
N ASP A 354 13.62 17.26 24.96
CA ASP A 354 14.49 16.89 26.08
C ASP A 354 13.98 17.50 27.38
N ALA A 355 13.64 18.80 27.34
CA ALA A 355 13.11 19.45 28.54
C ALA A 355 11.82 18.80 29.00
N LYS A 356 10.88 18.59 28.07
CA LYS A 356 9.57 18.06 28.43
C LYS A 356 9.68 16.74 29.18
N VAL A 357 10.45 15.79 28.64
CA VAL A 357 10.60 14.49 29.28
C VAL A 357 11.39 14.57 30.57
N LYS A 358 12.08 15.69 30.82
CA LYS A 358 12.86 15.89 32.02
C LYS A 358 12.15 16.72 33.08
N GLN A 359 10.97 17.26 32.78
CA GLN A 359 10.21 18.01 33.76
C GLN A 359 9.61 17.05 34.78
N SER A 360 8.88 17.59 35.76
CA SER A 360 8.12 16.77 36.68
C SER A 360 6.87 16.23 36.01
N ASP A 361 6.38 15.09 36.52
CA ASP A 361 5.23 14.42 35.95
C ASP A 361 5.45 14.10 34.47
N TYR A 362 6.59 13.48 34.18
CA TYR A 362 6.92 13.13 32.80
C TYR A 362 6.21 11.87 32.33
N ASP A 363 5.92 10.95 33.25
CA ASP A 363 5.24 9.70 32.92
C ASP A 363 6.04 8.90 31.89
N ARG A 364 7.32 8.70 32.19
CA ARG A 364 8.22 7.98 31.30
C ARG A 364 7.95 6.48 31.26
N SER A 365 7.13 5.96 32.18
CA SER A 365 6.86 4.53 32.23
C SER A 365 5.85 4.10 31.17
N THR A 366 4.89 4.95 30.84
CA THR A 366 3.88 4.65 29.84
C THR A 366 4.07 5.44 28.55
N SER A 367 5.08 6.32 28.52
CA SER A 367 5.25 7.21 27.38
C SER A 367 5.71 6.42 26.16
N ASN A 368 5.24 6.84 24.99
CA ASN A 368 5.66 6.27 23.72
C ASN A 368 6.81 7.04 23.09
N ILE A 369 7.33 8.05 23.77
CA ILE A 369 8.44 8.87 23.28
C ILE A 369 9.71 8.36 23.93
N ASP A 370 10.57 7.71 23.16
CA ASP A 370 11.84 7.22 23.66
C ASP A 370 12.75 8.40 24.00
N PRO A 371 13.09 8.64 25.27
CA PRO A 371 13.93 9.81 25.59
C PRO A 371 15.34 9.74 25.04
N LEU A 372 15.80 8.57 24.59
CA LEU A 372 17.14 8.43 24.05
C LEU A 372 17.23 8.71 22.56
N LYS A 373 16.11 8.68 21.85
CA LYS A 373 16.07 8.94 20.41
C LYS A 373 15.35 10.25 20.09
N THR A 374 15.37 11.19 21.04
CA THR A 374 14.76 12.49 20.79
C THR A 374 15.39 13.20 19.60
N ALA A 375 16.64 12.88 19.26
CA ALA A 375 17.27 13.50 18.10
C ALA A 375 16.69 12.94 16.80
N ASP A 376 16.53 11.62 16.73
CA ASP A 376 15.94 11.02 15.54
C ASP A 376 14.49 11.46 15.34
N LEU A 377 13.76 11.65 16.44
CA LEU A 377 12.37 12.09 16.33
C LEU A 377 12.28 13.55 15.90
N ALA A 378 13.04 14.43 16.56
CA ALA A 378 12.98 15.85 16.22
C ALA A 378 13.26 16.08 14.75
N GLU A 379 14.20 15.32 14.18
CA GLU A 379 14.50 15.44 12.76
C GLU A 379 13.34 14.95 11.90
N LYS A 380 12.68 13.87 12.34
CA LYS A 380 11.57 13.32 11.58
C LYS A 380 10.43 14.33 11.46
N LEU A 381 10.05 14.95 12.58
CA LEU A 381 8.99 15.95 12.55
C LEU A 381 9.43 17.18 11.78
N PHE A 382 10.69 17.60 11.96
CA PHE A 382 11.17 18.81 11.29
C PHE A 382 11.04 18.68 9.77
N LYS A 383 11.34 17.49 9.24
CA LYS A 383 11.31 17.31 7.79
C LYS A 383 9.92 17.00 7.27
N LEU A 384 9.14 16.20 8.00
CA LEU A 384 7.76 15.92 7.56
C LEU A 384 6.97 17.22 7.43
N SER A 385 7.10 18.12 8.40
CA SER A 385 6.36 19.37 8.35
C SER A 385 6.82 20.28 7.21
N ARG A 386 8.04 20.08 6.71
CA ARG A 386 8.53 20.80 5.54
C ARG A 386 8.42 19.98 4.27
N GLY A 387 7.95 18.75 4.35
CA GLY A 387 7.75 17.91 3.19
C GLY A 387 9.03 17.37 2.57
N ARG A 388 10.06 17.12 3.38
CA ARG A 388 11.34 16.64 2.88
C ARG A 388 11.86 15.48 3.72
N TYR A 389 10.96 14.64 4.22
CA TYR A 389 11.34 13.45 4.98
C TYR A 389 11.27 12.26 4.04
N GLY A 390 12.40 11.96 3.41
CA GLY A 390 12.47 10.90 2.42
C GLY A 390 12.94 9.57 2.98
N LEU A 391 12.03 8.59 3.01
CA LEU A 391 12.39 7.24 3.40
C LEU A 391 12.69 6.41 2.14
N PRO A 392 13.51 5.37 2.26
CA PRO A 392 13.81 4.55 1.08
C PRO A 392 12.66 3.62 0.75
N LEU A 393 12.67 3.15 -0.49
CA LEU A 393 11.70 2.14 -0.94
C LEU A 393 12.18 0.78 -0.46
N SER A 394 11.55 0.28 0.61
CA SER A 394 11.93 -1.00 1.18
C SER A 394 11.18 -2.13 0.50
N SER A 395 11.79 -3.31 0.53
CA SER A 395 11.17 -4.51 0.01
C SER A 395 10.30 -5.16 1.09
N ARG A 396 9.26 -5.84 0.64
CA ARG A 396 8.33 -6.49 1.55
C ARG A 396 9.08 -7.51 2.41
N PRO A 397 9.05 -7.40 3.75
CA PRO A 397 9.74 -8.39 4.57
C PRO A 397 9.30 -9.81 4.24
N VAL A 398 10.25 -10.74 4.35
CA VAL A 398 9.93 -12.13 4.05
C VAL A 398 8.88 -12.62 5.04
N VAL A 399 8.01 -13.50 4.56
CA VAL A 399 6.93 -14.03 5.40
C VAL A 399 7.51 -14.84 6.55
N LYS A 400 6.91 -14.66 7.73
CA LYS A 400 7.21 -15.48 8.89
C LYS A 400 6.04 -16.36 9.31
N SER A 401 4.81 -16.00 8.97
CA SER A 401 3.65 -16.71 9.47
C SER A 401 2.45 -16.43 8.57
N MET A 402 1.64 -17.46 8.32
CA MET A 402 0.36 -17.32 7.66
C MET A 402 -0.73 -17.97 8.50
N MET A 403 -1.94 -17.43 8.42
CA MET A 403 -3.08 -17.99 9.13
C MET A 403 -4.31 -18.01 8.23
N SER A 404 -5.10 -19.07 8.35
CA SER A 404 -6.44 -19.14 7.80
C SER A 404 -7.37 -19.59 8.90
N ASN A 405 -8.47 -18.86 9.10
CA ASN A 405 -9.37 -19.14 10.21
C ASN A 405 -10.81 -18.91 9.77
N LYS A 406 -11.73 -19.35 10.63
CA LYS A 406 -13.15 -19.14 10.40
C LYS A 406 -13.85 -18.95 11.74
N ASN A 407 -14.60 -17.86 11.86
CA ASN A 407 -15.40 -17.62 13.05
C ASN A 407 -16.73 -18.35 12.89
N LEU A 408 -16.99 -19.28 13.80
CA LEU A 408 -18.10 -20.23 13.68
C LEU A 408 -19.25 -19.76 14.57
N ARG A 409 -20.35 -19.34 13.94
CA ARG A 409 -21.59 -19.02 14.63
C ARG A 409 -22.61 -20.12 14.37
N GLY A 410 -23.01 -20.82 15.42
CA GLY A 410 -24.04 -21.83 15.32
C GLY A 410 -23.54 -23.25 15.55
N LYS A 411 -23.98 -24.18 14.72
CA LYS A 411 -23.60 -25.59 14.81
C LYS A 411 -22.68 -26.02 13.67
N SER A 412 -22.19 -25.07 12.88
CA SER A 412 -21.41 -25.37 11.67
C SER A 412 -20.11 -26.10 11.99
N CYS A 413 -19.86 -26.40 13.28
CA CYS A 413 -18.71 -27.22 13.66
C CYS A 413 -19.06 -27.93 14.96
N ASN A 414 -19.79 -29.04 14.83
CA ASN A 414 -20.30 -29.78 15.98
C ASN A 414 -19.54 -31.07 16.28
N SER A 415 -18.64 -31.50 15.40
CA SER A 415 -17.96 -32.78 15.59
C SER A 415 -16.62 -32.76 14.88
N ILE A 416 -15.89 -33.87 14.99
CA ILE A 416 -14.57 -33.98 14.37
C ILE A 416 -14.68 -33.88 12.86
N VAL A 417 -15.73 -34.49 12.29
CA VAL A 417 -15.89 -34.45 10.83
C VAL A 417 -16.05 -33.01 10.36
N ASP A 418 -16.77 -32.20 11.15
CA ASP A 418 -16.96 -30.80 10.77
C ASP A 418 -15.67 -30.00 10.86
N CYS A 419 -14.77 -30.36 11.77
CA CYS A 419 -13.48 -29.69 11.84
C CYS A 419 -12.65 -29.98 10.59
N ILE A 420 -12.53 -31.25 10.22
CA ILE A 420 -11.72 -31.63 9.06
C ILE A 420 -12.22 -30.90 7.82
N SER A 421 -13.54 -30.77 7.68
CA SER A 421 -14.10 -30.07 6.53
C SER A 421 -13.57 -28.64 6.44
N TRP A 422 -13.36 -28.00 7.58
CA TRP A 422 -12.84 -26.64 7.57
C TRP A 422 -11.33 -26.61 7.36
N LEU A 423 -10.61 -27.58 7.92
CA LEU A 423 -9.18 -27.67 7.65
C LEU A 423 -8.92 -27.89 6.17
N GLU A 424 -9.81 -28.60 5.48
CA GLU A 424 -9.66 -28.72 4.03
C GLU A 424 -9.70 -27.36 3.35
N VAL A 425 -10.56 -26.46 3.84
CA VAL A 425 -10.62 -25.12 3.29
C VAL A 425 -9.37 -24.33 3.65
N PHE A 426 -8.91 -24.45 4.91
CA PHE A 426 -7.74 -23.71 5.34
C PHE A 426 -6.50 -24.13 4.55
N CYS A 427 -6.34 -25.44 4.34
CA CYS A 427 -5.16 -25.92 3.62
C CYS A 427 -5.14 -25.44 2.17
N ALA A 428 -6.32 -25.23 1.58
CA ALA A 428 -6.39 -24.76 0.20
C ALA A 428 -6.01 -23.29 0.10
N GLU A 429 -6.47 -22.47 1.05
CA GLU A 429 -6.15 -21.05 1.01
C GLU A 429 -4.67 -20.80 1.29
N LEU A 430 -4.11 -21.52 2.26
CA LEU A 430 -2.69 -21.36 2.57
C LEU A 430 -1.83 -21.78 1.38
N THR A 431 -2.23 -22.85 0.69
CA THR A 431 -1.51 -23.28 -0.51
C THR A 431 -1.60 -22.21 -1.59
N SER A 432 -2.79 -21.66 -1.82
CA SER A 432 -2.93 -20.59 -2.80
C SER A 432 -2.05 -19.41 -2.44
N ARG A 433 -1.98 -19.07 -1.16
CA ARG A 433 -1.18 -17.94 -0.74
C ARG A 433 0.31 -18.25 -0.83
N ILE A 434 0.68 -19.53 -0.73
CA ILE A 434 2.08 -19.90 -0.92
C ILE A 434 2.46 -19.83 -2.40
N GLN A 435 1.54 -20.20 -3.29
CA GLN A 435 1.81 -20.08 -4.72
C GLN A 435 2.06 -18.63 -5.10
N ASP A 436 1.24 -17.71 -4.57
CA ASP A 436 1.42 -16.31 -4.88
C ASP A 436 2.78 -15.80 -4.39
N LEU A 437 3.31 -16.38 -3.31
CA LEU A 437 4.62 -15.97 -2.82
C LEU A 437 5.74 -16.55 -3.67
N GLU A 438 5.66 -17.86 -3.97
CA GLU A 438 6.66 -18.47 -4.83
C GLU A 438 6.84 -17.67 -6.12
N GLN A 439 5.79 -16.95 -6.54
CA GLN A 439 5.91 -16.12 -7.72
C GLN A 439 6.59 -14.79 -7.40
N GLU A 440 6.29 -14.20 -6.23
CA GLU A 440 6.92 -12.95 -5.85
C GLU A 440 8.39 -13.15 -5.51
N TYR A 441 8.70 -14.17 -4.70
CA TYR A 441 10.10 -14.44 -4.35
C TYR A 441 10.84 -15.15 -5.46
N ASN A 442 10.12 -15.77 -6.40
CA ASN A 442 10.74 -16.61 -7.43
C ASN A 442 11.56 -17.73 -6.79
N LYS A 443 11.13 -18.22 -5.64
CA LYS A 443 11.78 -19.33 -4.96
C LYS A 443 10.71 -20.24 -4.37
N ILE A 444 11.11 -21.44 -3.99
CA ILE A 444 10.21 -22.39 -3.36
C ILE A 444 10.02 -22.01 -1.90
N VAL A 445 8.79 -22.18 -1.40
CA VAL A 445 8.44 -21.79 -0.04
C VAL A 445 7.89 -23.02 0.68
N ILE A 446 8.56 -23.42 1.76
CA ILE A 446 8.21 -24.62 2.52
C ILE A 446 7.97 -24.25 3.97
N PRO A 447 6.75 -24.34 4.49
CA PRO A 447 6.55 -24.20 5.94
C PRO A 447 6.91 -25.48 6.67
N ARG A 448 7.58 -25.34 7.81
CA ARG A 448 8.09 -26.50 8.54
C ARG A 448 7.30 -26.85 9.78
N THR A 449 6.49 -25.94 10.31
CA THR A 449 5.70 -26.21 11.50
C THR A 449 4.28 -25.71 11.29
N VAL A 450 3.32 -26.43 11.88
CA VAL A 450 1.91 -26.11 11.77
C VAL A 450 1.34 -25.94 13.18
N SER A 451 0.33 -25.08 13.30
CA SER A 451 -0.33 -24.84 14.57
C SER A 451 -1.83 -24.77 14.33
N ILE A 452 -2.58 -25.58 15.07
CA ILE A 452 -4.04 -25.54 15.08
C ILE A 452 -4.49 -24.94 16.40
N SER A 453 -5.48 -24.04 16.34
CA SER A 453 -6.07 -23.48 17.53
C SER A 453 -7.57 -23.30 17.29
N LEU A 454 -8.35 -23.47 18.36
CA LEU A 454 -9.80 -23.43 18.26
C LEU A 454 -10.39 -22.92 19.57
N LYS A 455 -11.60 -22.39 19.48
CA LYS A 455 -12.35 -21.89 20.62
C LYS A 455 -13.60 -22.75 20.81
N THR A 456 -13.81 -23.21 22.04
CA THR A 456 -14.95 -24.06 22.34
C THR A 456 -16.23 -23.22 22.38
N LYS A 457 -17.34 -23.83 22.81
CA LYS A 457 -18.57 -23.05 22.99
C LYS A 457 -18.45 -22.11 24.18
N SER A 458 -17.63 -22.48 25.17
CA SER A 458 -17.33 -21.62 26.30
C SER A 458 -16.22 -20.63 25.99
N TYR A 459 -15.75 -20.59 24.74
CA TYR A 459 -14.73 -19.63 24.30
C TYR A 459 -13.39 -19.86 24.99
N GLU A 460 -13.10 -21.09 25.38
CA GLU A 460 -11.78 -21.47 25.85
C GLU A 460 -10.94 -21.95 24.66
N VAL A 461 -9.62 -21.77 24.77
CA VAL A 461 -8.71 -21.99 23.66
C VAL A 461 -7.99 -23.32 23.85
N TYR A 462 -7.91 -24.09 22.76
CA TYR A 462 -7.08 -25.29 22.67
C TYR A 462 -6.11 -25.12 21.52
N ARG A 463 -4.84 -25.45 21.75
CA ARG A 463 -3.79 -25.21 20.77
C ARG A 463 -2.83 -26.39 20.76
N LYS A 464 -2.22 -26.62 19.59
CA LYS A 464 -1.19 -27.65 19.44
C LYS A 464 -0.39 -27.35 18.20
N SER A 465 0.93 -27.41 18.32
CA SER A 465 1.86 -27.17 17.22
C SER A 465 2.74 -28.39 17.01
N GLY A 466 3.43 -28.41 15.87
CA GLY A 466 4.33 -29.48 15.57
C GLY A 466 4.89 -29.40 14.16
N PRO A 467 5.84 -30.26 13.82
CA PRO A 467 6.44 -30.23 12.49
C PRO A 467 5.51 -30.81 11.44
N VAL A 468 5.74 -30.41 10.20
CA VAL A 468 5.09 -31.00 9.04
C VAL A 468 6.19 -31.58 8.16
N ALA A 469 6.16 -32.90 7.98
CA ALA A 469 7.20 -33.64 7.24
C ALA A 469 6.96 -33.67 5.74
N TYR A 470 7.29 -32.58 5.06
CA TYR A 470 7.25 -32.60 3.60
C TYR A 470 8.22 -33.64 3.06
N LYS A 471 7.70 -34.80 2.66
CA LYS A 471 8.57 -35.89 2.22
C LYS A 471 9.38 -35.46 1.00
N GLY A 472 8.70 -35.12 -0.08
CA GLY A 472 9.39 -34.68 -1.28
C GLY A 472 9.78 -33.22 -1.23
N ILE A 473 9.11 -32.39 -2.03
CA ILE A 473 9.34 -30.94 -2.01
C ILE A 473 8.04 -30.21 -2.33
N ASN A 474 7.73 -29.19 -1.53
CA ASN A 474 6.57 -28.32 -1.75
C ASN A 474 5.28 -29.09 -2.04
N PHE A 475 5.12 -30.28 -1.47
CA PHE A 475 3.90 -31.08 -1.68
C PHE A 475 2.90 -30.88 -0.54
N GLN A 476 2.55 -29.62 -0.28
CA GLN A 476 1.56 -29.27 0.73
C GLN A 476 0.13 -29.58 0.30
N SER A 477 -0.83 -28.98 1.00
CA SER A 477 -2.27 -29.18 0.85
C SER A 477 -2.72 -30.64 0.97
N HIS A 478 -1.81 -31.55 1.26
CA HIS A 478 -2.18 -32.92 1.61
C HIS A 478 -1.34 -33.09 2.86
N GLU A 479 -0.04 -32.88 2.70
CA GLU A 479 0.85 -32.80 3.85
C GLU A 479 0.49 -31.49 4.53
N LEU A 480 0.38 -31.53 5.85
CA LEU A 480 -0.10 -30.43 6.70
C LEU A 480 -1.62 -30.49 6.82
N LEU A 481 -2.29 -31.34 6.03
CA LEU A 481 -3.66 -31.71 6.33
C LEU A 481 -3.63 -32.99 7.13
N LYS A 482 -2.64 -33.84 6.85
CA LYS A 482 -2.36 -34.99 7.68
C LYS A 482 -2.18 -34.51 9.12
N VAL A 483 -1.20 -33.63 9.31
CA VAL A 483 -0.90 -33.09 10.63
C VAL A 483 -2.08 -32.30 11.17
N GLY A 484 -2.75 -31.54 10.30
CA GLY A 484 -3.91 -30.80 10.73
C GLY A 484 -4.98 -31.70 11.31
N ILE A 485 -5.21 -32.85 10.66
CA ILE A 485 -6.22 -33.80 11.15
C ILE A 485 -5.71 -34.50 12.39
N LYS A 486 -4.40 -34.78 12.46
CA LYS A 486 -3.83 -35.39 13.67
C LYS A 486 -4.03 -34.48 14.87
N PHE A 487 -3.77 -33.17 14.71
CA PHE A 487 -3.86 -32.25 15.84
C PHE A 487 -5.31 -32.09 16.30
N VAL A 488 -6.23 -31.86 15.36
CA VAL A 488 -7.63 -31.69 15.75
C VAL A 488 -8.16 -32.93 16.43
N THR A 489 -7.61 -34.10 16.10
CA THR A 489 -7.99 -35.33 16.78
C THR A 489 -7.48 -35.34 18.21
N ASP A 490 -6.21 -34.97 18.41
CA ASP A 490 -5.66 -34.91 19.76
C ASP A 490 -6.45 -33.94 20.63
N LEU A 491 -6.76 -32.76 20.11
CA LEU A 491 -7.48 -31.77 20.89
C LEU A 491 -8.90 -32.23 21.22
N ASP A 492 -9.49 -33.08 20.38
CA ASP A 492 -10.75 -33.72 20.75
C ASP A 492 -10.56 -34.57 21.99
N ILE A 493 -9.52 -35.41 22.00
CA ILE A 493 -9.29 -36.30 23.13
C ILE A 493 -8.94 -35.50 24.38
N LYS A 494 -8.26 -34.36 24.23
CA LYS A 494 -8.04 -33.49 25.38
C LYS A 494 -9.35 -32.88 25.86
N GLY A 495 -10.28 -32.62 24.95
CA GLY A 495 -11.60 -32.14 25.33
C GLY A 495 -12.39 -33.19 26.09
N LYS A 496 -12.78 -34.26 25.40
CA LYS A 496 -13.44 -35.42 26.04
C LYS A 496 -14.62 -34.91 26.87
N ASN A 497 -14.74 -35.29 28.13
CA ASN A 497 -15.90 -34.88 28.93
C ASN A 497 -15.78 -33.45 29.44
N LYS A 498 -15.48 -32.52 28.53
CA LYS A 498 -15.40 -31.10 28.83
C LYS A 498 -16.30 -30.35 27.86
N SER A 499 -16.67 -29.13 28.21
CA SER A 499 -17.48 -28.32 27.30
C SER A 499 -16.61 -28.01 26.09
N TYR A 500 -16.97 -28.56 24.94
CA TYR A 500 -16.12 -28.42 23.76
C TYR A 500 -16.95 -27.98 22.56
N TYR A 501 -17.63 -28.92 21.88
CA TYR A 501 -18.43 -28.56 20.73
C TYR A 501 -19.75 -27.93 21.20
N PRO A 502 -20.36 -27.04 20.38
CA PRO A 502 -19.96 -26.58 19.04
C PRO A 502 -18.86 -25.53 19.13
N LEU A 503 -17.84 -25.62 18.27
CA LEU A 503 -16.77 -24.66 18.33
C LEU A 503 -17.22 -23.29 17.81
N THR A 504 -16.49 -22.26 18.23
CA THR A 504 -16.76 -20.88 17.87
C THR A 504 -15.74 -20.31 16.91
N LYS A 505 -14.52 -20.86 16.90
CA LYS A 505 -13.46 -20.39 16.03
C LYS A 505 -12.51 -21.55 15.75
N LEU A 506 -11.90 -21.54 14.57
CA LEU A 506 -10.97 -22.57 14.16
C LEU A 506 -9.97 -21.94 13.21
N SER A 507 -8.68 -22.23 13.41
CA SER A 507 -7.65 -21.58 12.61
C SER A 507 -6.46 -22.52 12.45
N MET A 508 -5.80 -22.40 11.29
CA MET A 508 -4.56 -23.10 11.00
C MET A 508 -3.48 -22.08 10.68
N THR A 509 -2.33 -22.21 11.34
CA THR A 509 -1.23 -21.26 11.20
C THR A 509 0.05 -22.01 10.90
N ILE A 510 0.75 -21.59 9.84
CA ILE A 510 2.01 -22.20 9.42
C ILE A 510 3.13 -21.20 9.64
N THR A 511 4.27 -21.69 10.12
CA THR A 511 5.39 -20.84 10.48
C THR A 511 6.69 -21.54 10.06
N ASN A 512 7.82 -20.91 10.40
CA ASN A 512 9.14 -21.46 10.11
C ASN A 512 9.27 -21.85 8.64
N PHE A 513 9.45 -20.86 7.77
CA PHE A 513 9.56 -21.10 6.35
C PHE A 513 11.02 -21.26 5.93
N ASP A 514 11.23 -22.06 4.88
CA ASP A 514 12.54 -22.24 4.26
C ASP A 514 12.43 -21.84 2.80
N ILE A 515 13.09 -20.75 2.43
CA ILE A 515 13.09 -20.25 1.06
C ILE A 515 14.35 -20.74 0.36
N ILE A 516 14.18 -21.45 -0.74
CA ILE A 516 15.29 -22.06 -1.44
C ILE A 516 15.11 -21.93 -2.96
MG MG B . -5.30 2.67 -0.96
MG MG C . -14.13 -32.55 1.68
#